data_3IE4
#
_entry.id   3IE4
#
_cell.length_a   135.530
_cell.length_b   30.680
_cell.length_c   51.650
_cell.angle_alpha   90.00
_cell.angle_beta   107.57
_cell.angle_gamma   90.00
#
_symmetry.space_group_name_H-M   'C 1 2 1'
#
loop_
_entity.id
_entity.type
_entity.pdbx_description
1 polymer 'Gram-Negative Binding Protein 3'
2 non-polymer 'ZINC ION'
3 non-polymer 1,2-ETHANEDIOL
4 water water
#
_entity_poly.entity_id   1
_entity_poly.type   'polypeptide(L)'
_entity_poly.pdbx_seq_one_letter_code
;YEVPKAKIDVFYPKGFEVSIPDEEGITLFAFHGKLNEEMEGLEAGTWARDIVKAKNGRWTFRDRITALKPGDTLYYWTYV
IYNGLGYREDDGSFVVNGYSGNNASPH
;
_entity_poly.pdbx_strand_id   A,B
#
# COMPACT_ATOMS: atom_id res chain seq x y z
N TYR A 1 0.93 -15.94 5.14
CA TYR A 1 0.81 -14.47 5.21
C TYR A 1 1.90 -13.86 4.36
N GLU A 2 1.60 -12.77 3.67
CA GLU A 2 2.64 -12.04 2.92
C GLU A 2 2.78 -10.63 3.46
N VAL A 3 3.97 -10.22 3.85
CA VAL A 3 4.17 -8.85 4.32
C VAL A 3 3.90 -7.90 3.18
N PRO A 4 3.07 -6.85 3.41
CA PRO A 4 2.87 -5.87 2.34
C PRO A 4 4.19 -5.26 1.88
N LYS A 5 4.37 -5.09 0.58
CA LYS A 5 5.60 -4.49 0.07
C LYS A 5 5.66 -3.02 0.50
N ALA A 6 6.78 -2.62 1.10
CA ALA A 6 6.90 -1.30 1.70
C ALA A 6 6.78 -0.19 0.68
N LYS A 7 6.11 0.88 1.08
CA LYS A 7 6.00 2.07 0.25
C LYS A 7 7.06 3.02 0.73
N ILE A 8 7.93 3.48 -0.18
CA ILE A 8 9.03 4.35 0.18
C ILE A 8 8.90 5.70 -0.51
N ASP A 9 8.86 6.77 0.30
CA ASP A 9 8.77 8.13 -0.18
C ASP A 9 9.98 8.89 0.30
N VAL A 10 10.63 9.56 -0.63
CA VAL A 10 11.87 10.27 -0.39
C VAL A 10 11.61 11.78 -0.51
N PHE A 11 12.12 12.56 0.43
CA PHE A 11 11.84 13.99 0.52
C PHE A 11 13.08 14.82 0.23
N TYR A 12 12.85 16.04 -0.27
CA TYR A 12 13.93 16.95 -0.56
C TYR A 12 13.82 18.12 0.43
N PRO A 13 14.95 18.57 0.99
CA PRO A 13 16.32 18.12 0.78
C PRO A 13 16.72 16.83 1.49
N LYS A 14 15.95 16.40 2.51
CA LYS A 14 16.36 15.26 3.29
C LYS A 14 15.17 14.53 3.91
N GLY A 15 15.44 13.29 4.29
CA GLY A 15 14.45 12.43 4.93
C GLY A 15 13.80 11.47 3.96
N PHE A 16 13.17 10.48 4.55
CA PHE A 16 12.37 9.51 3.81
C PHE A 16 11.43 8.82 4.78
N GLU A 17 10.42 8.18 4.20
CA GLU A 17 9.42 7.41 4.95
C GLU A 17 9.24 6.05 4.31
N VAL A 18 9.02 5.05 5.15
CA VAL A 18 8.78 3.67 4.76
C VAL A 18 7.54 3.23 5.50
N SER A 19 6.52 2.74 4.78
CA SER A 19 5.28 2.38 5.44
C SER A 19 4.57 1.24 4.78
N ILE A 20 3.65 0.66 5.54
CA ILE A 20 2.73 -0.35 5.04
C ILE A 20 1.34 -0.05 5.60
N PRO A 21 0.28 -0.52 4.92
CA PRO A 21 -1.04 -0.46 5.50
C PRO A 21 -1.17 -1.41 6.66
N ASP A 22 -2.00 -1.03 7.63
CA ASP A 22 -2.29 -1.91 8.74
C ASP A 22 -3.50 -2.77 8.44
N GLU A 23 -3.64 -3.86 9.19
CA GLU A 23 -4.87 -4.64 9.17
C GLU A 23 -5.00 -5.40 10.45
N GLU A 24 -6.15 -6.01 10.66
CA GLU A 24 -6.39 -6.76 11.85
C GLU A 24 -5.32 -7.81 11.99
N GLY A 25 -4.73 -7.87 13.17
CA GLY A 25 -3.77 -8.92 13.51
C GLY A 25 -2.33 -8.50 13.45
N ILE A 26 -2.04 -7.33 12.86
CA ILE A 26 -0.65 -6.83 12.88
C ILE A 26 -0.40 -6.05 14.16
N THR A 27 0.65 -6.46 14.89
CA THR A 27 1.03 -5.77 16.13
C THR A 27 2.45 -5.20 16.13
N LEU A 28 3.17 -5.36 15.02
CA LEU A 28 4.46 -4.71 14.89
C LEU A 28 4.86 -4.60 13.44
N PHE A 29 5.53 -3.51 13.09
CA PHE A 29 6.26 -3.37 11.86
C PHE A 29 7.64 -2.85 12.22
N ALA A 30 8.68 -3.43 11.64
CA ALA A 30 10.04 -2.96 11.87
C ALA A 30 10.75 -2.82 10.54
N PHE A 31 11.57 -1.78 10.44
CA PHE A 31 12.32 -1.47 9.23
C PHE A 31 13.81 -1.61 9.53
N HIS A 32 14.53 -2.29 8.64
CA HIS A 32 15.99 -2.42 8.72
C HIS A 32 16.54 -2.03 7.37
N GLY A 33 17.39 -1.01 7.32
CA GLY A 33 17.89 -0.52 6.04
C GLY A 33 19.34 -0.07 6.07
N LYS A 34 19.90 -0.03 4.87
CA LYS A 34 21.23 0.51 4.59
C LYS A 34 21.21 1.25 3.27
N LEU A 35 22.13 2.19 3.15
CA LEU A 35 22.25 3.03 1.97
C LEU A 35 23.45 2.64 1.12
N ASN A 36 23.20 2.29 -0.14
CA ASN A 36 24.25 2.03 -1.14
C ASN A 36 25.18 0.88 -0.81
N GLU A 37 24.74 0.00 0.07
CA GLU A 37 25.43 -1.22 0.36
C GLU A 37 24.39 -2.24 0.77
N GLU A 38 24.52 -3.44 0.24
CA GLU A 38 23.57 -4.49 0.54
C GLU A 38 23.56 -4.89 2.01
N MET A 39 22.38 -5.32 2.46
CA MET A 39 22.27 -5.95 3.77
C MET A 39 22.94 -7.31 3.71
N GLU A 40 23.69 -7.63 4.76
CA GLU A 40 24.25 -8.96 4.89
C GLU A 40 23.30 -9.78 5.74
N GLY A 41 22.43 -10.53 5.08
CA GLY A 41 21.41 -11.24 5.84
C GLY A 41 20.47 -10.32 6.62
N LEU A 42 19.97 -10.85 7.72
CA LEU A 42 18.96 -10.17 8.51
C LEU A 42 19.61 -9.38 9.66
N GLU A 43 20.68 -8.66 9.31
CA GLU A 43 21.36 -7.77 10.23
C GLU A 43 20.52 -6.53 10.50
N ALA A 44 20.86 -5.82 11.56
CA ALA A 44 20.11 -4.63 11.92
C ALA A 44 20.23 -3.54 10.88
N GLY A 45 21.42 -3.30 10.34
CA GLY A 45 21.63 -2.26 9.36
C GLY A 45 21.89 -0.90 9.98
N THR A 46 21.91 0.11 9.12
CA THR A 46 22.16 1.49 9.54
C THR A 46 20.95 2.06 10.28
N TRP A 47 19.78 1.77 9.75
CA TRP A 47 18.51 2.13 10.38
C TRP A 47 17.82 0.84 10.81
N ALA A 48 17.53 0.68 12.09
CA ALA A 48 16.80 -0.50 12.58
C ALA A 48 15.83 0.03 13.61
N ARG A 49 14.54 0.05 13.29
CA ARG A 49 13.53 0.65 14.18
C ARG A 49 12.26 -0.18 14.19
N ASP A 50 11.76 -0.47 15.39
CA ASP A 50 10.44 -1.05 15.57
C ASP A 50 9.47 0.10 15.65
N ILE A 51 8.52 0.14 14.72
CA ILE A 51 7.55 1.23 14.75
C ILE A 51 6.60 0.97 15.87
N VAL A 52 6.38 2.00 16.70
CA VAL A 52 5.67 1.81 17.96
C VAL A 52 4.20 1.41 17.79
N LYS A 53 3.51 2.04 16.86
CA LYS A 53 2.08 1.78 16.69
C LYS A 53 1.64 2.17 15.32
N ALA A 54 0.53 1.59 14.88
CA ALA A 54 -0.16 2.03 13.66
C ALA A 54 -0.83 3.36 13.93
N LYS A 55 -0.81 4.26 12.93
CA LYS A 55 -1.45 5.56 13.01
C LYS A 55 -2.06 5.85 11.66
N ASN A 56 -3.31 6.28 11.65
CA ASN A 56 -3.99 6.58 10.41
C ASN A 56 -3.95 5.38 9.43
N GLY A 57 -4.10 4.18 9.99
CA GLY A 57 -4.22 2.98 9.18
C GLY A 57 -2.93 2.49 8.56
N ARG A 58 -1.79 3.05 8.97
CA ARG A 58 -0.48 2.62 8.45
C ARG A 58 0.54 2.47 9.57
N TRP A 59 1.57 1.66 9.31
CA TRP A 59 2.77 1.66 10.14
C TRP A 59 3.84 2.42 9.39
N THR A 60 4.42 3.45 10.01
CA THR A 60 5.31 4.34 9.29
C THR A 60 6.62 4.58 10.03
N PHE A 61 7.71 4.31 9.32
CA PHE A 61 9.06 4.68 9.72
C PHE A 61 9.38 6.00 9.06
N ARG A 62 9.93 6.95 9.83
CA ARG A 62 10.28 8.27 9.31
C ARG A 62 11.71 8.62 9.67
N ASP A 63 12.52 8.92 8.65
CA ASP A 63 13.84 9.50 8.83
C ASP A 63 13.74 10.98 8.43
N ARG A 64 14.30 11.88 9.23
CA ARG A 64 14.25 13.32 8.96
C ARG A 64 15.59 13.96 8.64
N ILE A 65 16.65 13.15 8.61
CA ILE A 65 18.02 13.67 8.59
C ILE A 65 18.86 13.29 7.38
N THR A 66 18.50 12.20 6.71
CA THR A 66 19.32 11.65 5.64
C THR A 66 18.95 12.23 4.27
N ALA A 67 19.92 12.88 3.64
CA ALA A 67 19.75 13.48 2.32
C ALA A 67 20.00 12.44 1.23
N LEU A 68 18.93 11.90 0.65
CA LEU A 68 19.06 10.91 -0.42
C LEU A 68 19.06 11.63 -1.76
N LYS A 69 19.78 11.04 -2.72
CA LYS A 69 19.96 11.61 -4.05
C LYS A 69 19.51 10.60 -5.09
N PRO A 70 19.07 11.07 -6.27
CA PRO A 70 18.71 10.13 -7.31
C PRO A 70 19.86 9.16 -7.62
N GLY A 71 19.52 7.88 -7.77
CA GLY A 71 20.52 6.84 -7.99
C GLY A 71 21.01 6.15 -6.73
N ASP A 72 20.79 6.77 -5.56
CA ASP A 72 21.01 6.07 -4.29
C ASP A 72 20.08 4.86 -4.24
N THR A 73 20.56 3.79 -3.61
CA THR A 73 19.76 2.59 -3.41
C THR A 73 19.66 2.30 -1.92
N LEU A 74 18.41 2.15 -1.45
CA LEU A 74 18.13 1.69 -0.11
C LEU A 74 17.95 0.19 -0.22
N TYR A 75 18.71 -0.53 0.59
CA TYR A 75 18.56 -1.98 0.75
C TYR A 75 17.94 -2.23 2.10
N TYR A 76 16.96 -3.11 2.18
CA TYR A 76 16.21 -3.22 3.40
C TYR A 76 15.52 -4.55 3.53
N TRP A 77 15.08 -4.80 4.75
CA TRP A 77 14.13 -5.86 4.99
C TRP A 77 13.21 -5.41 6.09
N THR A 78 11.99 -5.91 6.08
CA THR A 78 11.04 -5.52 7.13
C THR A 78 10.51 -6.74 7.86
N TYR A 79 9.96 -6.50 9.05
CA TYR A 79 9.39 -7.54 9.88
C TYR A 79 8.02 -7.12 10.33
N VAL A 80 7.08 -8.06 10.32
CA VAL A 80 5.74 -7.87 10.82
C VAL A 80 5.40 -9.02 11.76
N ILE A 81 4.77 -8.69 12.90
CA ILE A 81 4.13 -9.70 13.73
C ILE A 81 2.66 -9.71 13.38
N TYR A 82 2.23 -10.85 12.84
CA TYR A 82 0.86 -11.01 12.39
C TYR A 82 0.26 -12.21 13.12
N ASN A 83 -0.81 -11.96 13.86
CA ASN A 83 -1.42 -12.99 14.73
C ASN A 83 -0.35 -13.67 15.60
N GLY A 84 0.63 -12.90 16.07
CA GLY A 84 1.62 -13.40 17.01
C GLY A 84 2.82 -14.10 16.40
N LEU A 85 2.82 -14.25 15.07
CA LEU A 85 3.91 -14.89 14.35
C LEU A 85 4.66 -13.88 13.51
N GLY A 86 5.94 -14.12 13.29
CA GLY A 86 6.79 -13.20 12.55
C GLY A 86 6.92 -13.55 11.08
N TYR A 87 6.87 -12.50 10.25
CA TYR A 87 7.07 -12.60 8.83
C TYR A 87 7.84 -11.42 8.28
N ARG A 88 8.53 -11.60 7.15
CA ARG A 88 9.37 -10.54 6.59
C ARG A 88 9.08 -10.20 5.14
N GLU A 89 9.35 -8.92 4.78
CA GLU A 89 9.65 -8.60 3.38
C GLU A 89 11.19 -8.69 3.26
N ASP A 90 11.68 -9.70 2.56
CA ASP A 90 13.10 -9.91 2.36
C ASP A 90 13.59 -9.25 1.06
N ASP A 91 14.89 -8.98 1.03
CA ASP A 91 15.58 -8.57 -0.17
C ASP A 91 15.00 -7.33 -0.82
N GLY A 92 14.63 -6.36 0.01
CA GLY A 92 14.14 -5.10 -0.48
C GLY A 92 15.24 -4.23 -1.07
N SER A 93 14.93 -3.59 -2.17
CA SER A 93 15.81 -2.59 -2.73
C SER A 93 14.94 -1.54 -3.38
N PHE A 94 15.37 -0.29 -3.24
CA PHE A 94 14.65 0.84 -3.77
C PHE A 94 15.66 1.84 -4.29
N VAL A 95 15.59 2.10 -5.59
CA VAL A 95 16.44 3.12 -6.18
C VAL A 95 15.70 4.43 -6.20
N VAL A 96 16.32 5.45 -5.61
CA VAL A 96 15.78 6.80 -5.58
C VAL A 96 15.80 7.37 -7.00
N ASN A 97 14.63 7.82 -7.46
CA ASN A 97 14.48 8.33 -8.82
C ASN A 97 13.81 9.71 -8.91
N GLY A 98 13.61 10.34 -7.77
CA GLY A 98 12.64 11.42 -7.65
C GLY A 98 12.12 11.57 -6.23
N TYR A 99 11.55 12.74 -5.94
CA TYR A 99 11.12 13.07 -4.60
C TYR A 99 9.61 13.20 -4.52
N SER A 100 9.07 12.94 -3.33
CA SER A 100 7.63 13.01 -3.08
C SER A 100 7.20 14.40 -2.62
N GLY A 101 8.09 15.09 -1.91
CA GLY A 101 7.79 16.43 -1.39
C GLY A 101 9.02 17.12 -0.84
N TYR B 1 -21.86 -15.75 -7.12
CA TYR B 1 -22.04 -14.27 -7.14
C TYR B 1 -21.02 -13.65 -8.07
N GLU B 2 -21.40 -12.62 -8.81
CA GLU B 2 -20.47 -11.89 -9.68
C GLU B 2 -20.05 -10.63 -8.99
N VAL B 3 -18.76 -10.52 -8.70
CA VAL B 3 -18.25 -9.36 -8.03
C VAL B 3 -18.37 -8.20 -8.98
N PRO B 4 -19.00 -7.10 -8.54
CA PRO B 4 -19.06 -5.94 -9.43
C PRO B 4 -17.70 -5.45 -9.84
N LYS B 5 -17.57 -5.03 -11.09
CA LYS B 5 -16.34 -4.42 -11.59
C LYS B 5 -16.18 -3.06 -10.93
N ALA B 6 -14.98 -2.79 -10.40
CA ALA B 6 -14.71 -1.56 -9.67
C ALA B 6 -14.73 -0.39 -10.63
N LYS B 7 -15.32 0.72 -10.19
CA LYS B 7 -15.29 1.98 -10.91
C LYS B 7 -14.18 2.79 -10.31
N ILE B 8 -13.26 3.26 -11.16
CA ILE B 8 -12.11 4.00 -10.69
C ILE B 8 -12.18 5.39 -11.27
N ASP B 9 -12.25 6.39 -10.39
CA ASP B 9 -12.25 7.81 -10.76
C ASP B 9 -10.94 8.42 -10.27
N VAL B 10 -10.22 9.11 -11.16
CA VAL B 10 -8.92 9.67 -10.85
C VAL B 10 -9.06 11.19 -10.84
N PHE B 11 -8.55 11.83 -9.81
CA PHE B 11 -8.73 13.27 -9.65
C PHE B 11 -7.48 14.06 -9.91
N TYR B 12 -7.68 15.31 -10.33
CA TYR B 12 -6.57 16.20 -10.63
C TYR B 12 -6.50 17.30 -9.57
N PRO B 13 -5.29 17.55 -9.04
CA PRO B 13 -3.99 16.95 -9.34
C PRO B 13 -3.66 15.65 -8.60
N LYS B 14 -4.46 15.30 -7.59
CA LYS B 14 -4.16 14.13 -6.78
C LYS B 14 -5.41 13.44 -6.25
N GLY B 15 -5.26 12.17 -5.95
CA GLY B 15 -6.32 11.36 -5.37
C GLY B 15 -6.99 10.49 -6.40
N PHE B 16 -7.73 9.53 -5.86
CA PHE B 16 -8.56 8.67 -6.67
C PHE B 16 -9.59 7.98 -5.77
N GLU B 17 -10.67 7.50 -6.38
CA GLU B 17 -11.70 6.74 -5.68
C GLU B 17 -11.92 5.44 -6.43
N VAL B 18 -12.13 4.37 -5.67
CA VAL B 18 -12.51 3.05 -6.21
C VAL B 18 -13.84 2.64 -5.56
N SER B 19 -14.85 2.31 -6.35
CA SER B 19 -16.15 2.06 -5.77
C SER B 19 -16.95 1.03 -6.53
N ILE B 20 -17.90 0.44 -5.82
CA ILE B 20 -18.90 -0.41 -6.41
C ILE B 20 -20.28 0.02 -5.92
N PRO B 21 -21.33 -0.28 -6.69
CA PRO B 21 -22.66 0.01 -6.21
C PRO B 21 -23.07 -0.98 -5.18
N ASP B 22 -23.85 -0.53 -4.20
CA ASP B 22 -24.39 -1.44 -3.24
C ASP B 22 -25.56 -2.20 -3.82
N GLU B 23 -25.83 -3.35 -3.25
CA GLU B 23 -27.06 -4.06 -3.47
C GLU B 23 -27.34 -4.86 -2.24
N GLU B 24 -28.51 -5.41 -2.19
CA GLU B 24 -28.89 -6.24 -1.10
C GLU B 24 -27.84 -7.31 -0.94
N GLY B 25 -27.42 -7.52 0.30
CA GLY B 25 -26.58 -8.63 0.66
C GLY B 25 -25.13 -8.27 0.85
N ILE B 26 -24.69 -7.14 0.30
CA ILE B 26 -23.29 -6.75 0.48
C ILE B 26 -23.12 -6.15 1.86
N THR B 27 -22.14 -6.64 2.62
CA THR B 27 -21.85 -6.07 3.95
C THR B 27 -20.39 -5.67 4.15
N LEU B 28 -19.55 -5.83 3.14
CA LEU B 28 -18.19 -5.31 3.21
C LEU B 28 -17.66 -5.22 1.79
N PHE B 29 -16.83 -4.19 1.57
CA PHE B 29 -15.99 -4.08 0.38
C PHE B 29 -14.57 -3.77 0.80
N ALA B 30 -13.60 -4.45 0.24
CA ALA B 30 -12.22 -4.10 0.50
C ALA B 30 -11.48 -3.92 -0.80
N PHE B 31 -10.55 -2.98 -0.80
CA PHE B 31 -9.74 -2.65 -1.95
C PHE B 31 -8.27 -2.84 -1.57
N HIS B 32 -7.50 -3.48 -2.45
CA HIS B 32 -6.07 -3.70 -2.26
C HIS B 32 -5.40 -3.33 -3.57
N GLY B 33 -4.43 -2.43 -3.54
CA GLY B 33 -3.89 -1.92 -4.78
C GLY B 33 -2.44 -1.53 -4.69
N LYS B 34 -1.81 -1.49 -5.87
CA LYS B 34 -0.45 -1.03 -6.04
C LYS B 34 -0.37 -0.27 -7.36
N LEU B 35 0.60 0.63 -7.43
CA LEU B 35 0.82 1.46 -8.61
C LEU B 35 2.02 0.95 -9.40
N ASN B 36 1.78 0.62 -10.65
CA ASN B 36 2.85 0.32 -11.62
C ASN B 36 3.69 -0.92 -11.28
N GLU B 37 3.13 -1.80 -10.47
CA GLU B 37 3.76 -3.06 -10.13
C GLU B 37 2.64 -4.03 -9.77
N GLU B 38 2.73 -5.25 -10.28
CA GLU B 38 1.70 -6.26 -10.02
C GLU B 38 1.67 -6.69 -8.56
N MET B 39 0.50 -7.14 -8.11
CA MET B 39 0.31 -7.73 -6.79
C MET B 39 0.88 -9.13 -6.79
N GLU B 40 1.52 -9.54 -5.69
CA GLU B 40 2.01 -10.92 -5.54
C GLU B 40 0.95 -11.68 -4.74
N GLY B 41 0.06 -12.38 -5.44
CA GLY B 41 -1.08 -13.07 -4.80
C GLY B 41 -2.01 -12.08 -4.11
N LEU B 42 -2.68 -12.52 -3.04
CA LEU B 42 -3.61 -11.66 -2.31
C LEU B 42 -2.91 -10.86 -1.18
N GLU B 43 -1.77 -10.25 -1.49
CA GLU B 43 -1.12 -9.37 -0.53
C GLU B 43 -1.91 -8.05 -0.41
N ALA B 44 -1.58 -7.29 0.63
CA ALA B 44 -2.29 -6.05 0.88
C ALA B 44 -1.95 -4.96 -0.15
N GLY B 45 -0.73 -4.94 -0.65
CA GLY B 45 -0.31 -3.88 -1.56
C GLY B 45 0.05 -2.58 -0.84
N THR B 46 -0.01 -1.50 -1.59
CA THR B 46 0.36 -0.18 -1.10
C THR B 46 -0.80 0.42 -0.32
N TRP B 47 -2.01 0.30 -0.90
CA TRP B 47 -3.28 0.75 -0.29
C TRP B 47 -4.11 -0.47 -0.04
N ALA B 48 -4.65 -0.59 1.16
CA ALA B 48 -5.50 -1.72 1.50
C ALA B 48 -6.44 -1.21 2.54
N ARG B 49 -7.74 -1.34 2.31
CA ARG B 49 -8.68 -0.87 3.29
C ARG B 49 -10.00 -1.61 3.15
N ASP B 50 -10.51 -2.01 4.30
CA ASP B 50 -11.87 -2.53 4.43
C ASP B 50 -12.83 -1.38 4.62
N ILE B 51 -13.87 -1.35 3.79
CA ILE B 51 -14.93 -0.35 3.83
C ILE B 51 -16.16 -1.07 4.40
N VAL B 52 -16.62 -0.61 5.56
CA VAL B 52 -17.66 -1.30 6.34
C VAL B 52 -19.04 -0.67 6.26
N LYS B 53 -19.14 0.49 5.59
CA LYS B 53 -20.43 1.10 5.35
C LYS B 53 -20.58 1.63 3.94
N ALA B 54 -21.73 1.33 3.33
CA ALA B 54 -22.09 1.92 2.06
C ALA B 54 -22.65 3.31 2.35
N LYS B 55 -22.26 4.26 1.51
CA LYS B 55 -22.68 5.66 1.65
C LYS B 55 -23.12 6.11 0.28
N ASN B 56 -24.24 6.81 0.21
CA ASN B 56 -24.80 7.23 -1.09
C ASN B 56 -24.98 6.08 -2.08
N GLY B 57 -25.36 4.92 -1.55
CA GLY B 57 -25.64 3.77 -2.38
C GLY B 57 -24.42 3.06 -2.97
N ARG B 58 -23.22 3.37 -2.47
CA ARG B 58 -21.98 2.82 -3.01
C ARG B 58 -21.03 2.48 -1.88
N TRP B 59 -20.08 1.60 -2.19
CA TRP B 59 -18.96 1.29 -1.30
C TRP B 59 -17.74 1.93 -1.92
N THR B 60 -17.07 2.83 -1.18
CA THR B 60 -16.07 3.67 -1.79
C THR B 60 -14.78 3.71 -1.00
N PHE B 61 -13.70 3.41 -1.69
CA PHE B 61 -12.36 3.63 -1.19
C PHE B 61 -11.83 4.95 -1.73
N ARG B 62 -11.26 5.78 -0.86
CA ARG B 62 -10.79 7.10 -1.28
C ARG B 62 -9.34 7.33 -0.89
N ASP B 63 -8.58 7.82 -1.85
CA ASP B 63 -7.22 8.28 -1.63
C ASP B 63 -7.24 9.78 -1.98
N ARG B 64 -6.63 10.60 -1.13
CA ARG B 64 -6.58 12.05 -1.38
C ARG B 64 -5.17 12.60 -1.55
N ILE B 65 -4.17 11.72 -1.67
CA ILE B 65 -2.78 12.18 -1.68
C ILE B 65 -1.95 11.75 -2.88
N THR B 66 -2.39 10.72 -3.60
CA THR B 66 -1.56 10.14 -4.65
C THR B 66 -1.81 10.78 -6.01
N ALA B 67 -0.75 11.34 -6.59
CA ALA B 67 -0.85 12.00 -7.89
C ALA B 67 -0.63 11.00 -9.01
N LEU B 68 -1.73 10.56 -9.63
CA LEU B 68 -1.69 9.64 -10.77
C LEU B 68 -1.61 10.42 -12.06
N LYS B 69 -0.95 9.83 -13.04
CA LYS B 69 -0.79 10.44 -14.35
C LYS B 69 -1.25 9.47 -15.41
N PRO B 70 -1.66 10.01 -16.57
CA PRO B 70 -2.07 9.11 -17.64
C PRO B 70 -0.97 8.10 -17.98
N GLY B 71 -1.38 6.84 -18.11
CA GLY B 71 -0.44 5.76 -18.41
C GLY B 71 -0.03 4.95 -17.19
N ASP B 72 -0.17 5.53 -16.00
CA ASP B 72 0.01 4.79 -14.76
C ASP B 72 -0.98 3.64 -14.75
N THR B 73 -0.60 2.52 -14.14
CA THR B 73 -1.48 1.38 -14.03
C THR B 73 -1.64 1.03 -12.57
N LEU B 74 -2.90 1.00 -12.13
CA LEU B 74 -3.25 0.50 -10.82
C LEU B 74 -3.53 -0.98 -10.93
N TYR B 75 -2.83 -1.79 -10.14
CA TYR B 75 -3.07 -3.22 -10.06
C TYR B 75 -3.76 -3.48 -8.75
N TYR B 76 -4.78 -4.33 -8.74
CA TYR B 76 -5.60 -4.43 -7.57
C TYR B 76 -6.40 -5.70 -7.51
N TRP B 77 -6.89 -5.99 -6.31
CA TRP B 77 -7.92 -6.99 -6.13
C TRP B 77 -8.92 -6.49 -5.11
N THR B 78 -10.16 -6.90 -5.27
CA THR B 78 -11.19 -6.47 -4.36
C THR B 78 -11.83 -7.69 -3.71
N TYR B 79 -12.54 -7.43 -2.61
CA TYR B 79 -13.18 -8.46 -1.81
C TYR B 79 -14.54 -7.89 -1.42
N VAL B 80 -15.56 -8.73 -1.55
CA VAL B 80 -16.91 -8.41 -1.17
C VAL B 80 -17.49 -9.53 -0.34
N ILE B 81 -18.10 -9.19 0.79
CA ILE B 81 -18.89 -10.16 1.56
C ILE B 81 -20.34 -9.99 1.16
N TYR B 82 -20.87 -11.01 0.47
CA TYR B 82 -22.19 -10.98 -0.06
C TYR B 82 -22.98 -12.15 0.50
N ASN B 83 -24.08 -11.84 1.16
CA ASN B 83 -24.91 -12.83 1.81
C ASN B 83 -24.09 -13.84 2.61
N GLY B 84 -23.10 -13.31 3.35
CA GLY B 84 -22.37 -14.11 4.31
C GLY B 84 -21.13 -14.82 3.83
N LEU B 85 -20.84 -14.74 2.54
CA LEU B 85 -19.62 -15.38 1.98
C LEU B 85 -18.77 -14.30 1.33
N GLY B 86 -17.44 -14.45 1.42
CA GLY B 86 -16.56 -13.58 0.72
C GLY B 86 -16.27 -14.03 -0.69
N TYR B 87 -16.14 -13.06 -1.59
CA TYR B 87 -15.84 -13.27 -3.01
C TYR B 87 -14.83 -12.21 -3.42
N ARG B 88 -13.97 -12.54 -4.37
CA ARG B 88 -12.90 -11.64 -4.76
C ARG B 88 -12.88 -11.43 -6.26
N GLU B 89 -12.38 -10.28 -6.67
CA GLU B 89 -11.97 -10.07 -8.03
C GLU B 89 -10.49 -9.84 -8.00
N ASP B 90 -9.67 -10.74 -8.54
CA ASP B 90 -8.24 -10.41 -8.53
C ASP B 90 -7.79 -10.13 -9.94
N ASP B 91 -6.51 -9.89 -10.12
CA ASP B 91 -6.04 -9.51 -11.45
C ASP B 91 -6.76 -8.26 -12.02
N GLY B 92 -7.26 -7.38 -11.15
CA GLY B 92 -7.68 -6.05 -11.58
C GLY B 92 -6.51 -5.21 -12.06
N SER B 93 -6.73 -4.49 -13.14
CA SER B 93 -5.74 -3.59 -13.66
C SER B 93 -6.49 -2.45 -14.31
N PHE B 94 -6.05 -1.24 -14.03
CA PHE B 94 -6.66 -0.04 -14.59
C PHE B 94 -5.58 0.90 -15.04
N VAL B 95 -5.59 1.25 -16.32
CA VAL B 95 -4.66 2.22 -16.87
C VAL B 95 -5.31 3.59 -16.80
N VAL B 96 -4.65 4.51 -16.10
CA VAL B 96 -5.16 5.87 -15.96
C VAL B 96 -5.15 6.57 -17.33
N ASN B 97 -6.28 7.19 -17.69
CA ASN B 97 -6.43 7.78 -19.03
C ASN B 97 -7.17 9.12 -19.12
N GLY B 98 -7.22 9.83 -18.00
CA GLY B 98 -8.13 10.98 -17.88
C GLY B 98 -8.76 11.09 -16.51
N TYR B 99 -9.07 12.32 -16.13
CA TYR B 99 -9.50 12.66 -14.78
C TYR B 99 -10.98 12.93 -14.71
N SER B 100 -11.55 12.73 -13.53
CA SER B 100 -12.97 12.88 -13.30
C SER B 100 -13.30 14.24 -12.67
N GLY B 101 -12.38 14.78 -11.89
CA GLY B 101 -12.60 16.10 -11.26
C GLY B 101 -11.40 16.56 -10.46
#